data_3CJD
#
_entry.id   3CJD
#
_cell.length_a   40.283
_cell.length_b   46.044
_cell.length_c   60.761
_cell.angle_alpha   99.230
_cell.angle_beta   100.390
_cell.angle_gamma   104.790
#
_symmetry.space_group_name_H-M   'P 1'
#
loop_
_entity.id
_entity.type
_entity.pdbx_description
1 polymer 'Transcriptional regulator, TetR family'
2 non-polymer 'CHLORIDE ION'
3 non-polymer 'STEARIC ACID'
4 water water
#
_entity_poly.entity_id   1
_entity_poly.type   'polypeptide(L)'
_entity_poly.pdbx_seq_one_letter_code
;G(MSE)AGKVEARKAALREKLIDLAEAQIEAEGLASLRARELARQADCAVGAIYTHFQDLNALTLEVNGRTFARLGAAVG
AVVADGQDDHPNERLIA(MSE)SHAYLAFAREHPKLWRALFDVE(MSE)RSDGPVPQWYGHA(MSE)AQLFSYITTPLAK
IFPESDDAELDL(MSE)TRTLFSSVHGIVLLGLENRISGVPGEQLKT(MSE)IRLLLEQVGR
;
_entity_poly.pdbx_strand_id   A,B
#
loop_
_chem_comp.id
_chem_comp.type
_chem_comp.name
_chem_comp.formula
CL non-polymer 'CHLORIDE ION' 'Cl -1'
STE non-polymer 'STEARIC ACID' 'C18 H36 O2'
#
# COMPACT_ATOMS: atom_id res chain seq x y z
N LYS A 10 -19.91 2.64 -33.04
CA LYS A 10 -19.51 1.60 -32.06
C LYS A 10 -17.99 1.56 -31.82
N ALA A 11 -17.21 1.57 -32.91
CA ALA A 11 -15.74 1.60 -32.85
C ALA A 11 -15.31 2.97 -32.31
N ALA A 12 -15.92 4.03 -32.85
CA ALA A 12 -15.71 5.41 -32.38
C ALA A 12 -16.20 5.58 -30.94
N LEU A 13 -17.42 5.13 -30.66
CA LEU A 13 -18.02 5.22 -29.33
C LEU A 13 -17.20 4.46 -28.29
N ARG A 14 -16.78 3.23 -28.59
CA ARG A 14 -15.96 2.43 -27.66
C ARG A 14 -14.71 3.22 -27.27
N GLU A 15 -13.98 3.75 -28.26
CA GLU A 15 -12.78 4.58 -28.00
C GLU A 15 -13.05 5.87 -27.23
N LYS A 16 -14.12 6.57 -27.61
CA LYS A 16 -14.54 7.81 -26.95
C LYS A 16 -14.85 7.55 -25.48
N LEU A 17 -15.51 6.42 -25.14
CA LEU A 17 -15.79 6.08 -23.74
C LEU A 17 -14.51 5.85 -22.90
N ILE A 18 -13.51 5.20 -23.49
CA ILE A 18 -12.21 4.94 -22.82
C ILE A 18 -11.51 6.28 -22.59
N ASP A 19 -11.51 7.17 -23.60
CA ASP A 19 -10.93 8.54 -23.52
C ASP A 19 -11.59 9.35 -22.40
N LEU A 20 -12.92 9.32 -22.35
CA LEU A 20 -13.70 10.03 -21.33
C LEU A 20 -13.51 9.41 -19.95
N ALA A 21 -13.41 8.07 -19.86
CA ALA A 21 -13.18 7.38 -18.58
C ALA A 21 -11.82 7.77 -17.98
N GLU A 22 -10.79 7.81 -18.84
CA GLU A 22 -9.44 8.23 -18.46
C GLU A 22 -9.47 9.68 -17.95
N ALA A 23 -10.13 10.56 -18.71
CA ALA A 23 -10.33 11.99 -18.36
C ALA A 23 -11.02 12.18 -16.99
N GLN A 24 -12.07 11.41 -16.73
CA GLN A 24 -12.80 11.46 -15.44
C GLN A 24 -11.94 11.00 -14.24
N ILE A 25 -11.24 9.89 -14.40
CA ILE A 25 -10.33 9.32 -13.37
C ILE A 25 -9.24 10.35 -13.05
N GLU A 26 -8.67 10.95 -14.09
CA GLU A 26 -7.68 12.01 -13.96
C GLU A 26 -8.22 13.25 -13.23
N ALA A 27 -9.48 13.60 -13.47
CA ALA A 27 -10.09 14.78 -12.89
C ALA A 27 -10.47 14.63 -11.43
N GLU A 28 -11.23 13.57 -11.16
CA GLU A 28 -11.85 13.31 -9.85
C GLU A 28 -11.62 11.94 -9.20
N GLY A 29 -10.83 11.06 -9.80
CA GLY A 29 -10.52 9.72 -9.26
C GLY A 29 -11.42 8.60 -9.72
N LEU A 30 -10.96 7.37 -9.50
CA LEU A 30 -11.69 6.17 -9.89
C LEU A 30 -13.11 6.10 -9.31
N ALA A 31 -13.24 6.38 -8.02
CA ALA A 31 -14.54 6.38 -7.33
C ALA A 31 -15.58 7.38 -7.89
N SER A 32 -15.18 8.40 -8.64
CA SER A 32 -16.14 9.37 -9.23
C SER A 32 -16.84 8.95 -10.54
N LEU A 33 -16.39 7.85 -11.15
CA LEU A 33 -16.87 7.37 -12.45
C LEU A 33 -18.31 6.88 -12.34
N ARG A 34 -19.20 7.43 -13.17
CA ARG A 34 -20.63 7.10 -13.21
C ARG A 34 -21.05 6.89 -14.66
N ALA A 35 -21.92 5.89 -14.89
CA ALA A 35 -22.42 5.58 -16.23
C ALA A 35 -23.26 6.72 -16.82
N ARG A 36 -24.14 7.32 -16.01
CA ARG A 36 -25.00 8.46 -16.41
C ARG A 36 -24.17 9.64 -16.95
N GLU A 37 -23.12 10.01 -16.22
CA GLU A 37 -22.22 11.12 -16.59
C GLU A 37 -21.38 10.84 -17.83
N LEU A 38 -20.77 9.66 -17.91
CA LEU A 38 -20.02 9.23 -19.11
C LEU A 38 -20.89 9.19 -20.36
N ALA A 39 -22.10 8.63 -20.21
CA ALA A 39 -23.10 8.56 -21.29
C ALA A 39 -23.49 9.95 -21.75
N ARG A 40 -23.65 10.87 -20.79
CA ARG A 40 -24.01 12.26 -21.07
C ARG A 40 -22.87 12.87 -21.88
N GLN A 41 -21.64 12.79 -21.38
CA GLN A 41 -20.43 13.30 -22.09
C GLN A 41 -20.21 12.70 -23.48
N ALA A 42 -20.49 11.41 -23.62
CA ALA A 42 -20.38 10.70 -24.90
C ALA A 42 -21.54 10.97 -25.88
N ASP A 43 -22.67 11.48 -25.38
CA ASP A 43 -23.91 11.74 -26.13
C ASP A 43 -24.51 10.40 -26.64
N CYS A 44 -24.61 9.46 -25.71
CA CYS A 44 -25.20 8.14 -25.94
C CYS A 44 -26.12 7.82 -24.77
N ALA A 45 -26.89 6.73 -24.95
CA ALA A 45 -27.78 6.21 -23.92
C ALA A 45 -26.88 5.48 -22.92
N VAL A 46 -27.28 5.46 -21.66
CA VAL A 46 -26.52 4.79 -20.59
C VAL A 46 -26.30 3.30 -20.90
N GLY A 47 -27.27 2.64 -21.55
CA GLY A 47 -27.16 1.25 -21.99
C GLY A 47 -26.12 1.01 -23.09
N ALA A 48 -25.78 2.05 -23.86
CA ALA A 48 -24.69 2.00 -24.85
C ALA A 48 -23.32 1.78 -24.18
N ILE A 49 -23.15 2.21 -22.93
CA ILE A 49 -21.94 1.96 -22.17
C ILE A 49 -21.82 0.44 -21.93
N TYR A 50 -22.92 -0.20 -21.57
CA TYR A 50 -23.01 -1.65 -21.29
C TYR A 50 -23.03 -2.57 -22.53
N THR A 51 -23.19 -1.98 -23.71
CA THR A 51 -23.07 -2.62 -25.01
C THR A 51 -21.58 -2.90 -25.32
N HIS A 52 -20.68 -2.04 -24.85
CA HIS A 52 -19.22 -2.12 -25.06
C HIS A 52 -18.33 -2.62 -23.93
N PHE A 53 -18.79 -2.52 -22.68
CA PHE A 53 -18.05 -2.96 -21.50
C PHE A 53 -19.06 -3.64 -20.58
N GLN A 54 -18.68 -4.76 -19.96
CA GLN A 54 -19.57 -5.49 -19.03
C GLN A 54 -20.08 -4.61 -17.89
N ASP A 55 -19.18 -3.80 -17.34
CA ASP A 55 -19.44 -2.88 -16.24
C ASP A 55 -18.39 -1.75 -16.18
N LEU A 56 -18.55 -0.84 -15.22
CA LEU A 56 -17.57 0.24 -15.01
C LEU A 56 -16.18 -0.27 -14.66
N ASN A 57 -16.09 -1.40 -13.94
CA ASN A 57 -14.80 -2.01 -13.62
C ASN A 57 -14.08 -2.42 -14.92
N ALA A 58 -14.81 -3.01 -15.87
CA ALA A 58 -14.27 -3.41 -17.18
C ALA A 58 -13.73 -2.21 -18.00
N LEU A 59 -14.44 -1.09 -17.95
CA LEU A 59 -14.01 0.14 -18.60
C LEU A 59 -12.74 0.66 -17.91
N THR A 60 -12.68 0.54 -16.57
CA THR A 60 -11.51 0.94 -15.78
C THR A 60 -10.29 0.09 -16.17
N LEU A 61 -10.47 -1.21 -16.47
CA LEU A 61 -9.36 -2.08 -16.93
C LEU A 61 -8.74 -1.59 -18.23
N GLU A 62 -9.58 -1.06 -19.13
CA GLU A 62 -9.12 -0.47 -20.39
C GLU A 62 -8.29 0.78 -20.13
N VAL A 63 -8.71 1.61 -19.17
CA VAL A 63 -7.96 2.80 -18.74
C VAL A 63 -6.62 2.34 -18.14
N ASN A 64 -6.64 1.31 -17.30
CA ASN A 64 -5.42 0.71 -16.72
C ASN A 64 -4.46 0.15 -17.77
N GLY A 65 -5.00 -0.35 -18.89
CA GLY A 65 -4.23 -0.78 -20.06
C GLY A 65 -3.38 0.35 -20.60
N ARG A 66 -4.02 1.53 -20.74
CA ARG A 66 -3.30 2.74 -21.13
C ARG A 66 -2.28 3.20 -20.08
N THR A 67 -2.61 3.07 -18.79
CA THR A 67 -1.69 3.45 -17.71
C THR A 67 -0.45 2.55 -17.72
N PHE A 68 -0.64 1.24 -17.94
CA PHE A 68 0.50 0.32 -18.11
C PHE A 68 1.41 0.74 -19.26
N ALA A 69 0.82 1.15 -20.40
CA ALA A 69 1.53 1.63 -21.58
C ALA A 69 2.40 2.85 -21.22
N ARG A 70 1.84 3.80 -20.47
CA ARG A 70 2.60 4.98 -20.02
C ARG A 70 3.77 4.55 -19.13
N LEU A 71 3.51 3.62 -18.21
CA LEU A 71 4.53 3.10 -17.27
CA LEU A 71 4.55 3.18 -17.27
C LEU A 71 5.64 2.38 -18.02
N GLY A 72 5.26 1.59 -19.01
CA GLY A 72 6.20 0.84 -19.87
C GLY A 72 7.11 1.76 -20.68
N ALA A 73 6.55 2.87 -21.19
CA ALA A 73 7.34 3.89 -21.88
C ALA A 73 8.33 4.56 -20.89
N ALA A 74 7.87 4.83 -19.68
CA ALA A 74 8.68 5.42 -18.62
C ALA A 74 9.84 4.53 -18.15
N VAL A 75 9.59 3.23 -18.05
CA VAL A 75 10.58 2.27 -17.59
C VAL A 75 11.62 1.97 -18.70
N GLY A 76 11.16 1.75 -19.93
CA GLY A 76 12.01 1.48 -21.10
C GLY A 76 12.09 0.01 -21.46
N ASP A 84 23.35 -1.58 -18.82
CA ASP A 84 23.16 -3.02 -18.59
C ASP A 84 24.24 -3.73 -17.74
N ASP A 85 25.41 -3.12 -17.57
CA ASP A 85 26.54 -3.63 -16.75
C ASP A 85 26.37 -3.35 -15.23
N HIS A 86 25.43 -2.48 -14.85
CA HIS A 86 25.15 -2.06 -13.47
C HIS A 86 23.69 -2.37 -13.13
N PRO A 87 23.37 -3.66 -12.87
CA PRO A 87 21.98 -4.07 -12.63
C PRO A 87 21.29 -3.43 -11.41
N ASN A 88 22.02 -3.15 -10.33
CA ASN A 88 21.43 -2.47 -9.17
C ASN A 88 21.01 -1.04 -9.54
N GLU A 89 21.85 -0.36 -10.34
CA GLU A 89 21.56 0.97 -10.85
C GLU A 89 20.33 0.98 -11.76
N ARG A 90 20.15 -0.07 -12.56
CA ARG A 90 18.97 -0.23 -13.45
C ARG A 90 17.71 -0.36 -12.60
N LEU A 91 17.76 -1.19 -11.55
CA LEU A 91 16.65 -1.36 -10.60
C LEU A 91 16.28 -0.01 -9.95
N ILE A 92 17.29 0.77 -9.54
CA ILE A 92 17.10 2.09 -8.90
C ILE A 92 16.46 3.09 -9.86
N ALA A 93 16.99 3.17 -11.08
CA ALA A 93 16.50 4.07 -12.14
C ALA A 93 15.04 3.75 -12.48
N MSE A 94 14.72 2.47 -12.61
CA MSE A 94 13.34 2.06 -12.84
C MSE A 94 12.40 2.42 -11.69
O MSE A 94 11.28 2.86 -11.92
CB MSE A 94 13.26 0.56 -13.15
CG MSE A 94 13.86 0.24 -14.52
SE MSE A 94 13.58 -1.61 -14.96
CE MSE A 94 14.49 -2.50 -13.48
N SER A 95 12.90 2.27 -10.46
CA SER A 95 12.13 2.56 -9.25
C SER A 95 11.85 4.07 -9.15
N HIS A 96 12.86 4.87 -9.50
CA HIS A 96 12.73 6.33 -9.54
C HIS A 96 11.71 6.81 -10.58
N ALA A 97 11.64 6.14 -11.72
CA ALA A 97 10.63 6.41 -12.76
C ALA A 97 9.23 6.01 -12.23
N TYR A 98 9.12 4.91 -11.48
CA TYR A 98 7.85 4.48 -10.83
C TYR A 98 7.36 5.56 -9.84
N LEU A 99 8.26 6.03 -8.98
CA LEU A 99 7.98 7.15 -8.04
C LEU A 99 7.50 8.39 -8.78
N ALA A 100 8.25 8.79 -9.81
CA ALA A 100 7.92 9.96 -10.64
C ALA A 100 6.53 9.81 -11.28
N PHE A 101 6.23 8.59 -11.76
CA PHE A 101 4.95 8.28 -12.38
C PHE A 101 3.79 8.47 -11.41
N ALA A 102 3.94 7.87 -10.23
CA ALA A 102 2.99 7.92 -9.12
C ALA A 102 2.72 9.38 -8.71
N ARG A 103 3.78 10.20 -8.70
CA ARG A 103 3.68 11.63 -8.39
C ARG A 103 2.97 12.41 -9.50
N GLU A 104 3.36 12.13 -10.74
CA GLU A 104 2.85 12.79 -11.94
C GLU A 104 1.40 12.47 -12.29
N HIS A 105 1.04 11.19 -12.22
CA HIS A 105 -0.30 10.67 -12.55
C HIS A 105 -0.88 9.99 -11.29
N PRO A 106 -1.16 10.74 -10.21
CA PRO A 106 -1.63 10.11 -8.95
C PRO A 106 -2.95 9.31 -8.98
N LYS A 107 -3.91 9.80 -9.75
CA LYS A 107 -5.24 9.17 -9.82
C LYS A 107 -5.21 7.96 -10.75
N LEU A 108 -4.53 8.06 -11.89
CA LEU A 108 -4.39 6.91 -12.81
C LEU A 108 -3.58 5.82 -12.13
N TRP A 109 -2.53 6.23 -11.41
CA TRP A 109 -1.66 5.32 -10.65
C TRP A 109 -2.48 4.56 -9.60
N ARG A 110 -3.27 5.28 -8.79
CA ARG A 110 -4.13 4.66 -7.78
C ARG A 110 -5.18 3.72 -8.40
N ALA A 111 -5.70 4.03 -9.59
CA ALA A 111 -6.66 3.14 -10.29
C ALA A 111 -6.08 1.77 -10.60
N LEU A 112 -4.76 1.67 -10.82
CA LEU A 112 -4.12 0.37 -11.04
C LEU A 112 -4.29 -0.59 -9.86
N PHE A 113 -4.25 -0.03 -8.65
CA PHE A 113 -4.35 -0.76 -7.39
C PHE A 113 -5.73 -0.84 -6.76
N ASP A 114 -6.65 0.05 -7.16
CA ASP A 114 -8.02 0.13 -6.63
C ASP A 114 -9.12 -0.53 -7.45
N VAL A 115 -8.84 -0.84 -8.72
CA VAL A 115 -9.76 -1.56 -9.62
C VAL A 115 -9.92 -2.99 -9.06
N GLU A 116 -11.06 -3.63 -9.32
CA GLU A 116 -11.30 -5.01 -8.89
C GLU A 116 -10.51 -5.88 -9.87
N MSE A 117 -9.39 -6.42 -9.41
CA MSE A 117 -8.52 -7.32 -10.19
C MSE A 117 -7.71 -8.18 -9.22
O MSE A 117 -6.94 -7.64 -8.43
CB MSE A 117 -7.61 -6.52 -11.14
CG MSE A 117 -6.60 -7.32 -11.98
SE MSE A 117 -7.35 -8.82 -13.00
CE MSE A 117 -8.63 -7.80 -14.10
N ARG A 118 -7.92 -9.50 -9.29
CA ARG A 118 -7.27 -10.47 -8.42
C ARG A 118 -6.58 -11.64 -9.13
N SER A 119 -5.53 -12.15 -8.49
CA SER A 119 -4.81 -13.34 -8.95
C SER A 119 -5.67 -14.62 -8.78
N ASP A 120 -6.67 -14.58 -7.88
CA ASP A 120 -7.65 -15.65 -7.63
C ASP A 120 -8.62 -15.83 -8.80
N GLY A 121 -9.16 -14.70 -9.28
CA GLY A 121 -10.13 -14.65 -10.38
C GLY A 121 -9.58 -14.65 -11.80
N PRO A 122 -10.47 -14.53 -12.81
CA PRO A 122 -10.02 -14.52 -14.21
C PRO A 122 -9.32 -13.21 -14.61
N VAL A 123 -8.08 -13.32 -15.10
CA VAL A 123 -7.25 -12.20 -15.55
C VAL A 123 -7.30 -12.27 -17.08
N PRO A 124 -7.76 -11.20 -17.78
CA PRO A 124 -7.79 -11.27 -19.25
C PRO A 124 -6.36 -11.25 -19.79
N GLN A 125 -6.10 -12.09 -20.80
CA GLN A 125 -4.76 -12.26 -21.40
C GLN A 125 -4.02 -11.00 -21.78
N TRP A 126 -4.73 -10.05 -22.40
CA TRP A 126 -4.11 -8.77 -22.75
C TRP A 126 -3.64 -8.01 -21.49
N TYR A 127 -4.44 -8.09 -20.42
CA TYR A 127 -4.17 -7.40 -19.15
C TYR A 127 -3.05 -8.11 -18.38
N GLY A 128 -3.13 -9.43 -18.29
CA GLY A 128 -2.10 -10.26 -17.66
C GLY A 128 -0.75 -10.19 -18.37
N HIS A 129 -0.78 -10.04 -19.70
CA HIS A 129 0.42 -9.90 -20.52
C HIS A 129 1.10 -8.56 -20.27
N ALA A 130 0.33 -7.47 -20.27
CA ALA A 130 0.88 -6.11 -20.03
C ALA A 130 1.61 -6.00 -18.68
N MSE A 131 1.06 -6.68 -17.68
CA MSE A 131 1.59 -6.67 -16.31
C MSE A 131 2.84 -7.59 -16.27
O MSE A 131 3.88 -7.19 -15.73
CB MSE A 131 0.44 -6.97 -15.33
CG MSE A 131 0.50 -6.25 -13.98
SE MSE A 131 1.90 -6.78 -12.78
CE MSE A 131 1.84 -8.73 -12.98
N ALA A 132 2.77 -8.76 -16.92
CA ALA A 132 3.92 -9.68 -17.08
C ALA A 132 5.10 -9.02 -17.80
N GLN A 133 4.80 -8.23 -18.83
CA GLN A 133 5.80 -7.51 -19.63
C GLN A 133 6.53 -6.42 -18.81
N LEU A 134 5.80 -5.66 -17.99
CA LEU A 134 6.41 -4.68 -17.06
C LEU A 134 7.41 -5.34 -16.08
N PHE A 135 6.98 -6.47 -15.53
CA PHE A 135 7.77 -7.33 -14.62
C PHE A 135 9.04 -7.91 -15.22
N SER A 136 9.05 -8.15 -16.54
CA SER A 136 10.24 -8.65 -17.23
C SER A 136 11.37 -7.61 -17.23
N TYR A 137 11.02 -6.31 -17.13
CA TYR A 137 12.02 -5.24 -17.05
C TYR A 137 12.78 -5.31 -15.72
N ILE A 138 12.11 -5.77 -14.66
CA ILE A 138 12.70 -5.95 -13.32
C ILE A 138 13.48 -7.26 -13.24
N THR A 139 12.94 -8.34 -13.82
CA THR A 139 13.56 -9.65 -13.80
C THR A 139 14.90 -9.75 -14.55
N THR A 140 15.09 -8.92 -15.59
CA THR A 140 16.35 -8.84 -16.37
C THR A 140 17.58 -8.51 -15.50
N PRO A 141 17.63 -7.34 -14.85
CA PRO A 141 18.75 -7.06 -13.94
C PRO A 141 18.90 -8.03 -12.75
N LEU A 142 17.79 -8.56 -12.21
CA LEU A 142 17.84 -9.57 -11.14
C LEU A 142 18.54 -10.88 -11.54
N ALA A 143 18.40 -11.28 -12.81
CA ALA A 143 19.10 -12.44 -13.37
C ALA A 143 20.63 -12.22 -13.37
N LYS A 144 21.08 -10.98 -13.59
CA LYS A 144 22.52 -10.63 -13.52
C LYS A 144 23.01 -10.63 -12.07
N ILE A 145 22.19 -10.08 -11.16
CA ILE A 145 22.49 -10.03 -9.72
C ILE A 145 22.47 -11.42 -9.07
N PHE A 146 21.50 -12.25 -9.45
CA PHE A 146 21.32 -13.61 -8.94
C PHE A 146 21.49 -14.63 -10.10
N PRO A 147 22.74 -14.84 -10.56
CA PRO A 147 23.02 -15.77 -11.67
C PRO A 147 22.63 -17.25 -11.46
N GLU A 148 22.65 -17.70 -10.21
CA GLU A 148 22.28 -19.07 -9.82
C GLU A 148 20.79 -19.29 -9.58
N SER A 149 19.98 -18.22 -9.52
CA SER A 149 18.54 -18.32 -9.28
C SER A 149 17.76 -18.82 -10.51
N ASP A 150 16.79 -19.71 -10.28
CA ASP A 150 15.90 -20.21 -11.35
C ASP A 150 14.76 -19.19 -11.57
N ASP A 151 13.89 -19.47 -12.55
CA ASP A 151 12.77 -18.58 -12.89
C ASP A 151 11.76 -18.32 -11.77
N ALA A 152 11.39 -19.36 -11.03
CA ALA A 152 10.47 -19.27 -9.86
C ALA A 152 11.09 -18.35 -8.79
N GLU A 153 12.37 -18.60 -8.47
CA GLU A 153 13.17 -17.79 -7.54
C GLU A 153 13.27 -16.32 -8.02
N LEU A 154 13.53 -16.12 -9.31
CA LEU A 154 13.59 -14.78 -9.92
C LEU A 154 12.22 -14.07 -9.91
N ASP A 155 11.16 -14.81 -10.20
CA ASP A 155 9.78 -14.30 -10.20
C ASP A 155 9.39 -13.83 -8.79
N LEU A 156 9.67 -14.68 -7.81
CA LEU A 156 9.42 -14.35 -6.40
C LEU A 156 10.19 -13.10 -5.96
N MSE A 157 11.46 -12.99 -6.37
CA MSE A 157 12.28 -11.82 -6.03
C MSE A 157 11.77 -10.55 -6.71
O MSE A 157 11.85 -9.47 -6.11
CB MSE A 157 13.78 -12.02 -6.32
CG MSE A 157 14.71 -10.91 -5.79
SE MSE A 157 14.71 -10.61 -3.82
CE MSE A 157 15.34 -12.45 -3.38
N THR A 158 11.30 -10.66 -7.94
CA THR A 158 10.75 -9.53 -8.70
C THR A 158 9.52 -8.97 -7.97
N ARG A 159 8.61 -9.86 -7.58
CA ARG A 159 7.40 -9.50 -6.85
C ARG A 159 7.71 -8.82 -5.48
N THR A 160 8.72 -9.34 -4.78
CA THR A 160 9.17 -8.84 -3.48
C THR A 160 9.72 -7.43 -3.56
N LEU A 161 10.65 -7.24 -4.49
CA LEU A 161 11.26 -5.91 -4.69
C LEU A 161 10.27 -4.92 -5.28
N PHE A 162 9.41 -5.35 -6.21
CA PHE A 162 8.39 -4.43 -6.70
C PHE A 162 7.45 -4.07 -5.53
N SER A 163 6.95 -5.06 -4.79
CA SER A 163 6.07 -4.79 -3.63
C SER A 163 6.71 -3.86 -2.58
N SER A 164 8.01 -4.00 -2.37
CA SER A 164 8.79 -3.16 -1.46
C SER A 164 8.83 -1.71 -1.90
N VAL A 165 9.17 -1.48 -3.18
CA VAL A 165 9.23 -0.11 -3.73
C VAL A 165 7.86 0.57 -3.69
N HIS A 166 6.83 -0.18 -4.08
CA HIS A 166 5.43 0.29 -4.02
C HIS A 166 5.03 0.76 -2.62
N GLY A 167 5.46 0.02 -1.60
CA GLY A 167 5.17 0.34 -0.21
C GLY A 167 5.80 1.66 0.19
N ILE A 168 7.08 1.82 -0.20
CA ILE A 168 7.83 3.06 0.05
C ILE A 168 7.12 4.26 -0.60
N VAL A 169 6.77 4.06 -1.87
CA VAL A 169 6.07 5.08 -2.67
C VAL A 169 4.67 5.38 -2.12
N LEU A 170 3.91 4.35 -1.75
CA LEU A 170 2.54 4.51 -1.28
C LEU A 170 2.48 5.28 0.03
N LEU A 171 3.21 4.80 1.04
CA LEU A 171 3.26 5.48 2.35
C LEU A 171 3.89 6.88 2.30
N GLY A 172 4.89 7.08 1.44
CA GLY A 172 5.56 8.37 1.27
C GLY A 172 4.66 9.40 0.58
N LEU A 173 4.04 9.01 -0.53
CA LEU A 173 3.15 9.91 -1.30
C LEU A 173 1.84 10.22 -0.60
N GLU A 174 1.34 9.29 0.20
CA GLU A 174 0.16 9.54 1.04
C GLU A 174 0.47 10.42 2.26
N ASN A 175 1.75 10.70 2.55
CA ASN A 175 2.19 11.52 3.70
C ASN A 175 1.76 10.87 5.02
N ARG A 176 1.79 9.54 5.07
CA ARG A 176 1.41 8.79 6.26
C ARG A 176 2.51 8.98 7.31
N ILE A 177 2.11 8.95 8.58
CA ILE A 177 3.08 9.09 9.69
C ILE A 177 4.11 7.95 9.81
N SER A 178 3.87 6.82 9.11
CA SER A 178 4.83 5.70 9.01
C SER A 178 5.77 5.77 7.79
N GLY A 179 5.42 6.54 6.77
CA GLY A 179 6.20 6.64 5.55
C GLY A 179 7.48 7.43 5.60
N VAL A 180 8.30 7.23 4.57
CA VAL A 180 9.55 7.98 4.39
C VAL A 180 9.13 9.40 3.96
N PRO A 181 9.77 10.48 4.49
CA PRO A 181 9.44 11.86 4.05
C PRO A 181 9.62 12.05 2.53
N GLY A 182 8.73 12.85 1.91
CA GLY A 182 8.70 13.11 0.45
C GLY A 182 10.04 13.42 -0.19
N GLU A 183 10.77 14.33 0.45
CA GLU A 183 12.12 14.75 0.04
CA GLU A 183 12.11 14.75 -0.01
C GLU A 183 13.19 13.64 0.03
N GLN A 184 12.95 12.55 0.76
CA GLN A 184 13.85 11.39 0.87
C GLN A 184 13.42 10.12 0.12
N LEU A 185 12.30 10.14 -0.59
CA LEU A 185 11.82 8.96 -1.34
C LEU A 185 12.83 8.43 -2.36
N LYS A 186 13.42 9.30 -3.17
CA LYS A 186 14.44 8.87 -4.15
C LYS A 186 15.66 8.27 -3.45
N THR A 187 16.17 8.98 -2.45
CA THR A 187 17.35 8.55 -1.68
C THR A 187 17.15 7.19 -1.01
N MSE A 188 16.01 7.00 -0.36
CA MSE A 188 15.71 5.77 0.34
C MSE A 188 15.47 4.54 -0.54
O MSE A 188 15.86 3.44 -0.15
CB MSE A 188 14.61 5.96 1.41
CG MSE A 188 15.00 6.94 2.53
SE MSE A 188 16.88 6.88 3.17
CE MSE A 188 16.87 5.03 3.64
N ILE A 189 14.90 4.74 -1.73
CA ILE A 189 14.75 3.68 -2.75
C ILE A 189 16.17 3.22 -3.15
N ARG A 190 17.05 4.17 -3.45
CA ARG A 190 18.46 3.88 -3.78
C ARG A 190 19.15 3.05 -2.71
N LEU A 191 19.10 3.54 -1.48
CA LEU A 191 19.69 2.89 -0.30
C LEU A 191 19.19 1.47 -0.06
N LEU A 192 17.90 1.22 -0.28
CA LEU A 192 17.31 -0.12 -0.19
C LEU A 192 17.85 -1.08 -1.28
N LEU A 193 17.75 -0.64 -2.53
CA LEU A 193 18.12 -1.44 -3.70
C LEU A 193 19.60 -1.68 -3.93
N GLU A 194 20.46 -0.74 -3.51
CA GLU A 194 21.93 -0.88 -3.53
C GLU A 194 22.40 -2.14 -2.78
N GLN A 195 21.70 -2.48 -1.69
CA GLN A 195 21.99 -3.63 -0.87
C GLN A 195 21.62 -4.97 -1.50
N VAL A 196 20.69 -4.99 -2.47
CA VAL A 196 20.21 -6.23 -3.13
C VAL A 196 21.36 -6.99 -3.82
N GLY A 197 21.58 -8.23 -3.37
CA GLY A 197 22.65 -9.12 -3.85
C GLY A 197 24.08 -8.62 -3.73
N ARG A 198 24.34 -7.71 -2.78
CA ARG A 198 25.63 -7.06 -2.51
C ARG A 198 25.99 -6.02 -3.57
N ALA B 11 -17.48 8.41 32.64
CA ALA B 11 -16.34 7.47 32.41
C ALA B 11 -16.74 6.19 31.67
N ALA B 12 -17.91 5.65 31.98
CA ALA B 12 -18.45 4.44 31.38
C ALA B 12 -18.75 4.60 29.89
N LEU B 13 -19.47 5.66 29.53
CA LEU B 13 -19.87 5.92 28.14
C LEU B 13 -18.71 6.19 27.19
N ARG B 14 -17.68 6.93 27.61
CA ARG B 14 -16.51 7.21 26.76
C ARG B 14 -15.82 5.90 26.35
N GLU B 15 -15.56 5.04 27.34
CA GLU B 15 -14.97 3.73 27.12
C GLU B 15 -15.90 2.78 26.35
N LYS B 16 -17.20 2.81 26.62
CA LYS B 16 -18.20 1.98 25.93
C LYS B 16 -18.26 2.34 24.44
N LEU B 17 -18.17 3.63 24.11
CA LEU B 17 -18.11 4.10 22.72
C LEU B 17 -16.86 3.60 21.95
N ILE B 18 -15.72 3.52 22.64
CA ILE B 18 -14.48 2.98 22.05
C ILE B 18 -14.63 1.46 21.84
N ASP B 19 -15.17 0.74 22.83
CA ASP B 19 -15.43 -0.71 22.75
C ASP B 19 -16.33 -1.04 21.55
N LEU B 20 -17.39 -0.24 21.42
CA LEU B 20 -18.39 -0.39 20.36
C LEU B 20 -17.83 -0.01 18.99
N ALA B 21 -17.04 1.07 18.90
CA ALA B 21 -16.41 1.49 17.65
C ALA B 21 -15.47 0.40 17.15
N GLU B 22 -14.70 -0.20 18.08
CA GLU B 22 -13.79 -1.31 17.76
C GLU B 22 -14.58 -2.51 17.24
N ALA B 23 -15.68 -2.85 17.91
CA ALA B 23 -16.55 -3.96 17.47
C ALA B 23 -17.17 -3.74 16.07
N GLN B 24 -17.58 -2.51 15.78
CA GLN B 24 -18.14 -2.11 14.49
C GLN B 24 -17.10 -2.22 13.37
N ILE B 25 -15.91 -1.66 13.60
CA ILE B 25 -14.78 -1.75 12.65
C ILE B 25 -14.46 -3.24 12.36
N GLU B 26 -14.32 -4.05 13.40
CA GLU B 26 -14.09 -5.51 13.26
C GLU B 26 -15.17 -6.27 12.48
N ALA B 27 -16.43 -5.85 12.64
CA ALA B 27 -17.56 -6.53 11.99
C ALA B 27 -17.74 -6.14 10.52
N GLU B 28 -17.76 -4.82 10.27
CA GLU B 28 -18.07 -4.22 8.98
C GLU B 28 -17.06 -3.24 8.35
N GLY B 29 -15.91 -3.00 8.99
CA GLY B 29 -14.87 -2.12 8.48
C GLY B 29 -15.05 -0.67 8.85
N LEU B 30 -13.98 0.11 8.70
CA LEU B 30 -13.98 1.55 9.04
C LEU B 30 -15.07 2.35 8.37
N ALA B 31 -15.26 2.12 7.08
CA ALA B 31 -16.31 2.79 6.27
C ALA B 31 -17.74 2.64 6.81
N SER B 32 -18.04 1.55 7.51
CA SER B 32 -19.36 1.33 8.12
C SER B 32 -19.68 2.15 9.38
N LEU B 33 -18.67 2.77 10.00
CA LEU B 33 -18.83 3.50 11.26
C LEU B 33 -19.70 4.75 11.10
N ARG B 34 -20.80 4.79 11.87
CA ARG B 34 -21.77 5.90 11.88
C ARG B 34 -22.07 6.31 13.31
N ALA B 35 -22.19 7.61 13.55
CA ALA B 35 -22.53 8.16 14.87
C ALA B 35 -23.93 7.73 15.36
N ARG B 36 -24.89 7.69 14.45
CA ARG B 36 -26.29 7.29 14.73
C ARG B 36 -26.38 5.85 15.25
N GLU B 37 -25.73 4.94 14.54
CA GLU B 37 -25.68 3.52 14.92
C GLU B 37 -24.89 3.25 16.22
N LEU B 38 -23.78 3.95 16.45
CA LEU B 38 -22.98 3.83 17.69
C LEU B 38 -23.78 4.29 18.91
N ALA B 39 -24.43 5.44 18.75
CA ALA B 39 -25.33 6.02 19.78
C ALA B 39 -26.48 5.08 20.13
N ARG B 40 -27.03 4.42 19.11
CA ARG B 40 -28.12 3.45 19.28
C ARG B 40 -27.60 2.28 20.11
N GLN B 41 -26.45 1.71 19.73
CA GLN B 41 -25.85 0.58 20.48
C GLN B 41 -25.45 0.93 21.93
N ALA B 42 -24.91 2.12 22.14
CA ALA B 42 -24.51 2.63 23.47
C ALA B 42 -25.68 3.15 24.31
N ASP B 43 -26.87 3.29 23.71
CA ASP B 43 -28.09 3.78 24.34
C ASP B 43 -27.90 5.23 24.81
N CYS B 44 -27.41 6.06 23.89
CA CYS B 44 -27.19 7.50 24.09
C CYS B 44 -27.63 8.28 22.86
N ALA B 45 -27.65 9.60 23.00
CA ALA B 45 -27.97 10.52 21.90
C ALA B 45 -26.68 10.63 21.08
N VAL B 46 -26.81 10.94 19.79
CA VAL B 46 -25.66 11.12 18.87
C VAL B 46 -24.72 12.24 19.40
N GLY B 47 -25.30 13.24 20.07
CA GLY B 47 -24.56 14.32 20.70
C GLY B 47 -23.62 13.92 21.83
N ALA B 48 -23.90 12.81 22.51
CA ALA B 48 -23.03 12.27 23.57
C ALA B 48 -21.69 11.78 22.99
N ILE B 49 -21.68 11.35 21.72
CA ILE B 49 -20.46 10.91 21.02
C ILE B 49 -19.55 12.11 20.75
N TYR B 50 -20.14 13.18 20.20
CA TYR B 50 -19.42 14.44 19.91
C TYR B 50 -19.00 15.22 21.17
N THR B 51 -19.61 14.89 22.31
CA THR B 51 -19.25 15.40 23.62
C THR B 51 -17.91 14.77 24.10
N HIS B 52 -17.66 13.50 23.79
CA HIS B 52 -16.42 12.79 24.14
C HIS B 52 -15.31 12.75 23.09
N PHE B 53 -15.67 12.87 21.81
CA PHE B 53 -14.74 12.84 20.68
C PHE B 53 -15.17 13.94 19.71
N GLN B 54 -14.26 14.79 19.23
CA GLN B 54 -14.62 15.91 18.31
C GLN B 54 -15.39 15.47 17.05
N ASP B 55 -14.98 14.32 16.53
CA ASP B 55 -15.60 13.70 15.36
C ASP B 55 -15.31 12.21 15.32
N LEU B 56 -15.90 11.52 14.35
CA LEU B 56 -15.65 10.09 14.18
C LEU B 56 -14.18 9.77 13.91
N ASN B 57 -13.43 10.67 13.26
CA ASN B 57 -11.98 10.56 13.02
C ASN B 57 -11.27 10.38 14.36
N ALA B 58 -11.59 11.25 15.32
CA ALA B 58 -11.03 11.23 16.68
C ALA B 58 -11.34 9.92 17.43
N LEU B 59 -12.56 9.38 17.26
CA LEU B 59 -12.95 8.08 17.84
C LEU B 59 -12.18 6.96 17.12
N THR B 60 -12.00 7.09 15.80
CA THR B 60 -11.20 6.15 15.03
C THR B 60 -9.75 6.14 15.52
N LEU B 61 -9.17 7.30 15.85
CA LEU B 61 -7.81 7.34 16.41
C LEU B 61 -7.69 6.59 17.73
N GLU B 62 -8.74 6.62 18.56
CA GLU B 62 -8.80 5.87 19.83
C GLU B 62 -8.76 4.35 19.58
N VAL B 63 -9.52 3.88 18.58
CA VAL B 63 -9.53 2.47 18.19
C VAL B 63 -8.16 2.07 17.65
N ASN B 64 -7.59 2.91 16.78
CA ASN B 64 -6.23 2.68 16.25
C ASN B 64 -5.18 2.59 17.37
N GLY B 65 -5.35 3.38 18.43
CA GLY B 65 -4.54 3.33 19.63
C GLY B 65 -4.53 1.94 20.23
N ARG B 66 -5.69 1.31 20.32
CA ARG B 66 -5.81 -0.09 20.79
C ARG B 66 -5.14 -1.06 19.82
N THR B 67 -5.26 -0.82 18.52
CA THR B 67 -4.62 -1.65 17.49
C THR B 67 -3.08 -1.52 17.61
N PHE B 68 -2.56 -0.32 17.83
CA PHE B 68 -1.11 -0.17 18.09
C PHE B 68 -0.64 -1.02 19.28
N ALA B 69 -1.40 -1.01 20.38
CA ALA B 69 -1.14 -1.81 21.58
C ALA B 69 -1.15 -3.31 21.25
N ARG B 70 -2.07 -3.76 20.39
CA ARG B 70 -2.11 -5.17 19.91
C ARG B 70 -0.80 -5.49 19.15
N LEU B 71 -0.39 -4.59 18.28
CA LEU B 71 0.87 -4.71 17.52
C LEU B 71 2.09 -4.75 18.41
N GLY B 72 2.13 -3.83 19.39
CA GLY B 72 3.20 -3.76 20.37
C GLY B 72 3.40 -5.04 21.19
N ALA B 73 2.30 -5.70 21.56
CA ALA B 73 2.31 -6.98 22.29
C ALA B 73 2.82 -8.11 21.37
N ALA B 74 2.42 -8.11 20.10
CA ALA B 74 2.81 -9.14 19.13
C ALA B 74 4.29 -9.05 18.72
N VAL B 75 4.81 -7.83 18.64
CA VAL B 75 6.20 -7.58 18.27
C VAL B 75 7.15 -7.81 19.45
N GLY B 76 6.74 -7.46 20.68
CA GLY B 76 7.54 -7.71 21.89
C GLY B 76 7.74 -9.16 22.35
N ALA B 77 6.94 -10.12 21.83
CA ALA B 77 7.00 -11.56 22.18
C ALA B 77 8.35 -12.31 22.12
N VAL B 78 8.51 -13.31 22.99
CA VAL B 78 9.72 -14.17 23.07
C VAL B 78 9.29 -15.62 23.29
N ASP B 85 22.86 -11.70 19.38
CA ASP B 85 23.19 -10.82 18.27
C ASP B 85 22.73 -11.42 16.93
N HIS B 86 21.42 -11.49 16.72
CA HIS B 86 20.82 -11.94 15.45
C HIS B 86 19.77 -10.92 14.98
N PRO B 87 20.19 -9.65 14.77
CA PRO B 87 19.26 -8.59 14.39
C PRO B 87 18.48 -8.81 13.11
N ASN B 88 19.06 -9.46 12.09
CA ASN B 88 18.33 -9.77 10.85
C ASN B 88 17.18 -10.72 11.13
N GLU B 89 17.40 -11.73 11.97
CA GLU B 89 16.35 -12.67 12.40
C GLU B 89 15.27 -11.95 13.22
N ARG B 90 15.63 -10.94 14.01
CA ARG B 90 14.66 -10.16 14.80
C ARG B 90 13.73 -9.37 13.90
N LEU B 91 14.27 -8.74 12.86
CA LEU B 91 13.50 -8.01 11.85
C LEU B 91 12.53 -8.95 11.12
N ILE B 92 13.01 -10.13 10.76
CA ILE B 92 12.19 -11.15 10.10
C ILE B 92 11.04 -11.60 11.01
N ALA B 93 11.34 -11.92 12.27
CA ALA B 93 10.35 -12.34 13.26
C ALA B 93 9.26 -11.28 13.48
N MSE B 94 9.69 -10.03 13.67
CA MSE B 94 8.77 -8.90 13.82
C MSE B 94 7.88 -8.68 12.60
O MSE B 94 6.68 -8.42 12.74
CB MSE B 94 9.54 -7.62 14.15
CG MSE B 94 10.14 -7.65 15.54
SE MSE B 94 10.90 -5.94 16.00
CE MSE B 94 12.14 -5.69 14.56
N SER B 95 8.47 -8.84 11.42
CA SER B 95 7.78 -8.72 10.13
C SER B 95 6.77 -9.84 9.96
N HIS B 96 7.16 -11.07 10.34
CA HIS B 96 6.22 -12.20 10.35
C HIS B 96 5.04 -11.94 11.30
N ALA B 97 5.31 -11.32 12.46
CA ALA B 97 4.25 -10.94 13.41
C ALA B 97 3.31 -9.89 12.79
N TYR B 98 3.87 -8.95 12.02
CA TYR B 98 3.09 -7.92 11.29
C TYR B 98 2.16 -8.56 10.23
N LEU B 99 2.68 -9.54 9.48
CA LEU B 99 1.93 -10.33 8.48
C LEU B 99 0.76 -11.04 9.14
N ALA B 100 1.07 -11.74 10.24
CA ALA B 100 0.06 -12.50 11.01
C ALA B 100 -1.07 -11.61 11.48
N PHE B 101 -0.72 -10.42 11.98
CA PHE B 101 -1.67 -9.39 12.46
C PHE B 101 -2.61 -8.96 11.36
N ALA B 102 -2.02 -8.61 10.21
CA ALA B 102 -2.75 -8.20 9.01
C ALA B 102 -3.74 -9.26 8.54
N ARG B 103 -3.34 -10.52 8.60
CA ARG B 103 -4.23 -11.64 8.23
C ARG B 103 -5.34 -11.86 9.28
N GLU B 104 -4.96 -11.85 10.56
CA GLU B 104 -5.83 -12.07 11.71
C GLU B 104 -6.83 -10.96 12.06
N HIS B 105 -6.42 -9.70 11.93
CA HIS B 105 -7.24 -8.52 12.25
C HIS B 105 -7.26 -7.60 11.01
N PRO B 106 -7.81 -8.09 9.86
CA PRO B 106 -7.76 -7.32 8.61
C PRO B 106 -8.46 -5.97 8.58
N LYS B 107 -9.55 -5.83 9.31
CA LYS B 107 -10.32 -4.58 9.33
C LYS B 107 -9.67 -3.55 10.24
N LEU B 108 -9.22 -3.96 11.42
CA LEU B 108 -8.51 -3.08 12.37
C LEU B 108 -7.18 -2.65 11.75
N TRP B 109 -6.52 -3.60 11.07
CA TRP B 109 -5.26 -3.35 10.37
C TRP B 109 -5.48 -2.29 9.29
N ARG B 110 -6.48 -2.47 8.43
CA ARG B 110 -6.79 -1.46 7.38
C ARG B 110 -7.14 -0.05 7.90
N ALA B 111 -7.84 0.03 9.05
CA ALA B 111 -8.19 1.30 9.72
C ALA B 111 -6.95 2.16 10.06
N LEU B 112 -5.83 1.52 10.36
CA LEU B 112 -4.56 2.24 10.62
C LEU B 112 -4.11 3.04 9.42
N PHE B 113 -4.32 2.50 8.22
CA PHE B 113 -3.91 3.12 6.95
C PHE B 113 -4.98 3.90 6.22
N ASP B 114 -6.25 3.63 6.50
CA ASP B 114 -7.42 4.28 5.88
C ASP B 114 -7.97 5.52 6.60
N VAL B 115 -7.67 5.67 7.89
CA VAL B 115 -8.05 6.85 8.68
C VAL B 115 -7.37 8.13 8.12
N GLU B 116 -8.03 9.27 8.22
CA GLU B 116 -7.47 10.55 7.78
C GLU B 116 -6.36 10.95 8.76
N MSE B 117 -5.11 10.71 8.37
CA MSE B 117 -3.93 11.03 9.18
C MSE B 117 -2.73 11.30 8.28
O MSE B 117 -2.24 10.37 7.63
CB MSE B 117 -3.63 9.90 10.18
CG MSE B 117 -2.47 10.13 11.16
SE MSE B 117 -2.66 11.77 12.18
CE MSE B 117 -4.42 11.46 12.96
N ARG B 118 -2.30 12.56 8.22
CA ARG B 118 -1.16 13.00 7.44
C ARG B 118 -0.10 13.70 8.29
N SER B 119 1.15 13.58 7.83
CA SER B 119 2.30 14.25 8.44
C SER B 119 2.31 15.79 8.18
N ASP B 120 1.54 16.27 7.20
CA ASP B 120 1.34 17.70 6.86
C ASP B 120 0.44 18.42 7.85
N GLY B 121 -0.68 17.78 8.17
CA GLY B 121 -1.68 18.31 9.11
C GLY B 121 -1.38 18.00 10.58
N PRO B 122 -2.35 18.30 11.47
CA PRO B 122 -2.15 18.02 12.90
C PRO B 122 -2.24 16.52 13.26
N VAL B 123 -1.16 16.01 13.86
CA VAL B 123 -1.07 14.62 14.32
C VAL B 123 -1.11 14.76 15.85
N PRO B 124 -2.12 14.19 16.56
CA PRO B 124 -2.13 14.31 18.04
C PRO B 124 -0.89 13.66 18.65
N GLN B 125 -0.24 14.38 19.57
CA GLN B 125 1.01 13.93 20.19
C GLN B 125 1.03 12.50 20.76
N TRP B 126 -0.06 12.11 21.42
CA TRP B 126 -0.17 10.76 22.00
C TRP B 126 -0.13 9.68 20.92
N TYR B 127 -0.77 9.97 19.78
CA TYR B 127 -0.90 9.07 18.62
C TYR B 127 0.44 8.89 17.93
N GLY B 128 1.12 10.00 17.62
CA GLY B 128 2.45 10.03 17.01
C GLY B 128 3.46 9.31 17.87
N HIS B 129 3.41 9.56 19.19
CA HIS B 129 4.27 8.90 20.18
C HIS B 129 4.05 7.38 20.24
N ALA B 130 2.80 6.92 20.19
CA ALA B 130 2.47 5.49 20.20
C ALA B 130 3.01 4.77 18.95
N MSE B 131 2.88 5.43 17.79
CA MSE B 131 3.38 4.88 16.52
C MSE B 131 4.91 4.87 16.57
O MSE B 131 5.52 3.85 16.23
CB MSE B 131 2.71 5.61 15.36
CG MSE B 131 2.77 4.95 13.99
SE MSE B 131 4.00 5.76 12.76
CE MSE B 131 5.75 5.43 13.48
N ALA B 132 5.52 5.94 17.06
CA ALA B 132 6.98 6.06 17.24
C ALA B 132 7.57 4.98 18.15
N GLN B 133 6.83 4.60 19.19
CA GLN B 133 7.17 3.53 20.15
C GLN B 133 7.26 2.18 19.41
N LEU B 134 6.35 1.91 18.47
CA LEU B 134 6.41 0.70 17.62
C LEU B 134 7.67 0.67 16.73
N PHE B 135 7.99 1.80 16.11
CA PHE B 135 9.20 2.00 15.29
C PHE B 135 10.53 1.80 16.03
N SER B 136 10.55 2.07 17.33
CA SER B 136 11.74 1.90 18.17
CA SER B 136 11.73 1.89 18.19
C SER B 136 12.16 0.42 18.22
N TYR B 137 11.18 -0.49 18.13
CA TYR B 137 11.44 -1.93 18.12
C TYR B 137 12.20 -2.34 16.85
N ILE B 138 11.95 -1.66 15.72
CA ILE B 138 12.63 -1.90 14.44
C ILE B 138 14.01 -1.25 14.47
N THR B 139 14.08 -0.01 14.98
CA THR B 139 15.35 0.74 15.05
C THR B 139 16.47 0.09 15.88
N THR B 140 16.12 -0.60 16.97
CA THR B 140 17.10 -1.30 17.82
C THR B 140 18.00 -2.28 17.04
N PRO B 141 17.43 -3.31 16.37
CA PRO B 141 18.25 -4.20 15.52
C PRO B 141 18.93 -3.50 14.33
N LEU B 142 18.27 -2.51 13.71
CA LEU B 142 18.87 -1.69 12.66
C LEU B 142 20.14 -0.98 13.15
N ALA B 143 20.14 -0.47 14.39
CA ALA B 143 21.33 0.15 14.99
C ALA B 143 22.49 -0.85 15.13
N LYS B 144 22.19 -2.13 15.39
CA LYS B 144 23.20 -3.20 15.45
C LYS B 144 23.73 -3.50 14.05
N ILE B 145 22.83 -3.59 13.06
CA ILE B 145 23.16 -3.86 11.65
C ILE B 145 23.97 -2.73 11.01
N PHE B 146 23.58 -1.48 11.29
CA PHE B 146 24.22 -0.29 10.76
C PHE B 146 24.82 0.56 11.89
N PRO B 147 25.93 0.11 12.52
CA PRO B 147 26.55 0.87 13.62
C PRO B 147 27.12 2.25 13.23
N GLU B 148 27.45 2.46 11.95
CA GLU B 148 27.97 3.77 11.47
C GLU B 148 26.89 4.82 11.18
N SER B 149 25.63 4.41 11.14
CA SER B 149 24.52 5.34 10.89
C SER B 149 24.16 6.17 12.11
N ASP B 150 23.89 7.46 11.87
CA ASP B 150 23.41 8.37 12.93
C ASP B 150 21.90 8.15 13.13
N ASP B 151 21.30 8.80 14.13
CA ASP B 151 19.87 8.68 14.42
C ASP B 151 18.95 9.02 13.24
N ALA B 152 19.29 10.06 12.48
CA ALA B 152 18.52 10.50 11.30
C ALA B 152 18.50 9.42 10.21
N GLU B 153 19.70 8.89 9.92
CA GLU B 153 19.92 7.81 8.97
C GLU B 153 19.16 6.54 9.40
N LEU B 154 19.20 6.22 10.70
CA LEU B 154 18.48 5.03 11.22
C LEU B 154 16.96 5.16 11.11
N ASP B 155 16.42 6.34 11.37
CA ASP B 155 14.98 6.64 11.29
C ASP B 155 14.50 6.49 9.83
N LEU B 156 15.30 6.98 8.88
CA LEU B 156 14.97 6.83 7.46
C LEU B 156 15.00 5.38 7.04
N MSE B 157 16.01 4.62 7.50
CA MSE B 157 16.09 3.18 7.20
C MSE B 157 14.95 2.42 7.89
O MSE B 157 14.48 1.42 7.33
CB MSE B 157 17.44 2.56 7.58
CG MSE B 157 17.68 1.14 7.14
SE MSE B 157 17.59 0.82 5.19
CE MSE B 157 19.13 1.92 4.68
N THR B 158 14.57 2.81 9.10
CA THR B 158 13.41 2.20 9.80
C THR B 158 12.13 2.38 8.95
N ARG B 159 11.88 3.62 8.51
CA ARG B 159 10.76 3.97 7.61
C ARG B 159 10.78 3.20 6.26
N THR B 160 11.96 3.06 5.66
CA THR B 160 12.18 2.38 4.37
C THR B 160 11.83 0.89 4.42
N LEU B 161 12.35 0.17 5.42
CA LEU B 161 12.10 -1.28 5.59
C LEU B 161 10.69 -1.57 6.08
N PHE B 162 10.14 -0.76 6.99
CA PHE B 162 8.75 -0.90 7.41
C PHE B 162 7.87 -0.79 6.15
N SER B 163 8.04 0.29 5.41
CA SER B 163 7.28 0.54 4.16
C SER B 163 7.43 -0.60 3.15
N SER B 164 8.62 -1.21 3.07
CA SER B 164 8.88 -2.33 2.16
C SER B 164 8.09 -3.56 2.59
N VAL B 165 8.14 -3.88 3.89
CA VAL B 165 7.38 -5.05 4.43
C VAL B 165 5.87 -4.86 4.25
N HIS B 166 5.40 -3.65 4.55
CA HIS B 166 4.00 -3.28 4.37
C HIS B 166 3.53 -3.44 2.94
N GLY B 167 4.37 -3.09 1.97
CA GLY B 167 4.04 -3.24 0.55
C GLY B 167 3.89 -4.71 0.18
N ILE B 168 4.83 -5.52 0.67
CA ILE B 168 4.80 -6.99 0.47
C ILE B 168 3.48 -7.56 1.00
N VAL B 169 3.16 -7.22 2.25
CA VAL B 169 1.95 -7.70 2.93
C VAL B 169 0.69 -7.16 2.25
N LEU B 170 0.62 -5.85 1.97
CA LEU B 170 -0.54 -5.22 1.34
C LEU B 170 -0.91 -5.84 -0.02
N LEU B 171 0.04 -5.83 -0.95
CA LEU B 171 -0.18 -6.42 -2.27
C LEU B 171 -0.36 -7.94 -2.19
N GLY B 172 0.25 -8.61 -1.22
CA GLY B 172 0.06 -10.06 -1.04
C GLY B 172 -1.31 -10.46 -0.52
N LEU B 173 -1.77 -9.77 0.54
CA LEU B 173 -3.08 -10.05 1.16
C LEU B 173 -4.26 -9.63 0.29
N GLU B 174 -4.09 -8.57 -0.49
CA GLU B 174 -5.11 -8.15 -1.46
C GLU B 174 -5.18 -9.02 -2.72
N ASN B 175 -4.26 -9.99 -2.88
CA ASN B 175 -4.20 -10.93 -4.02
C ASN B 175 -4.06 -10.18 -5.36
N ARG B 176 -3.27 -9.11 -5.33
CA ARG B 176 -3.05 -8.26 -6.50
C ARG B 176 -2.20 -9.06 -7.50
N ILE B 177 -2.43 -8.84 -8.79
CA ILE B 177 -1.65 -9.56 -9.83
C ILE B 177 -0.13 -9.29 -9.83
N SER B 178 0.32 -8.21 -9.17
CA SER B 178 1.74 -7.82 -9.00
C SER B 178 2.38 -8.26 -7.65
N GLY B 179 1.60 -8.86 -6.76
CA GLY B 179 2.04 -9.26 -5.42
C GLY B 179 2.65 -10.63 -5.28
N VAL B 180 3.38 -10.81 -4.17
CA VAL B 180 4.04 -12.07 -3.80
C VAL B 180 2.86 -12.99 -3.39
N PRO B 181 2.76 -14.25 -3.91
CA PRO B 181 1.65 -15.15 -3.53
C PRO B 181 1.50 -15.39 -2.03
N GLY B 182 0.26 -15.51 -1.54
CA GLY B 182 -0.10 -15.72 -0.13
C GLY B 182 0.77 -16.74 0.61
N GLU B 183 0.90 -17.93 0.02
CA GLU B 183 1.74 -19.02 0.54
C GLU B 183 3.26 -18.73 0.58
N GLN B 184 3.72 -17.68 -0.12
CA GLN B 184 5.11 -17.22 -0.19
C GLN B 184 5.44 -15.89 0.53
N LEU B 185 4.51 -15.28 1.26
CA LEU B 185 4.75 -13.99 1.94
C LEU B 185 5.84 -14.04 3.01
N LYS B 186 5.81 -15.03 3.88
CA LYS B 186 6.84 -15.25 4.92
C LYS B 186 8.23 -15.42 4.31
N THR B 187 8.33 -16.28 3.29
CA THR B 187 9.58 -16.60 2.56
C THR B 187 10.21 -15.36 1.94
N MSE B 188 9.38 -14.56 1.28
CA MSE B 188 9.84 -13.31 0.65
C MSE B 188 10.18 -12.17 1.60
O MSE B 188 11.02 -11.33 1.25
CB MSE B 188 8.91 -12.90 -0.47
CG MSE B 188 8.87 -13.98 -1.60
SE MSE B 188 10.55 -15.00 -1.98
CE MSE B 188 11.73 -13.56 -2.51
N ILE B 189 9.51 -12.14 2.76
CA ILE B 189 9.87 -11.21 3.84
C ILE B 189 11.29 -11.64 4.27
N ARG B 190 11.50 -12.95 4.51
CA ARG B 190 12.83 -13.48 4.85
C ARG B 190 13.88 -13.14 3.79
N LEU B 191 13.61 -13.41 2.51
CA LEU B 191 14.55 -13.10 1.41
C LEU B 191 14.87 -11.62 1.22
N LEU B 192 13.92 -10.73 1.54
CA LEU B 192 14.17 -9.29 1.53
C LEU B 192 15.08 -8.91 2.70
N LEU B 193 14.68 -9.29 3.91
CA LEU B 193 15.39 -8.88 5.14
C LEU B 193 16.81 -9.42 5.41
N GLU B 194 17.10 -10.61 4.91
CA GLU B 194 18.46 -11.22 5.00
C GLU B 194 19.51 -10.40 4.23
N GLN B 195 19.06 -9.69 3.19
CA GLN B 195 19.91 -8.80 2.38
C GLN B 195 20.21 -7.43 3.01
N VAL B 196 19.53 -7.08 4.11
CA VAL B 196 19.74 -5.82 4.81
C VAL B 196 21.08 -5.90 5.57
N GLY B 197 21.87 -4.84 5.44
CA GLY B 197 23.22 -4.78 6.00
C GLY B 197 24.23 -5.50 5.13
N ARG B 198 23.90 -5.70 3.84
CA ARG B 198 24.69 -6.31 2.76
C ARG B 198 25.99 -7.08 3.06
CL CL C . -3.80 11.11 -12.72
C1 STE D . 0.00 5.27 9.43
O1 STE D . 1.05 5.61 8.85
O2 STE D . -0.90 6.10 9.59
C2 STE D . -0.26 3.90 10.02
C3 STE D . 1.07 3.30 10.39
C4 STE D . 0.93 2.03 11.19
C5 STE D . 2.32 1.64 11.68
C6 STE D . 2.16 0.26 12.29
C7 STE D . 3.31 -0.08 13.22
C8 STE D . 4.44 -0.74 12.44
C9 STE D . 5.62 -1.19 13.29
C10 STE D . 5.21 -2.44 14.06
C11 STE D . 6.41 -3.11 14.71
C12 STE D . 7.35 -4.01 13.91
C13 STE D . 6.79 -4.88 12.79
C14 STE D . 7.33 -4.48 11.42
C15 STE D . 8.76 -4.99 11.24
C16 STE D . 9.41 -4.48 9.97
C17 STE D . 10.93 -4.70 10.05
C18 STE D . 11.69 -4.34 8.80
C1 STE E . -1.84 -4.79 -9.72
O1 STE E . -1.25 -5.42 -8.83
O2 STE E . -3.08 -4.62 -9.70
C2 STE E . -1.12 -4.15 -10.86
C3 STE E . -0.42 -2.98 -10.21
C4 STE E . 0.39 -2.19 -11.19
C5 STE E . 1.61 -2.99 -11.62
C6 STE E . 2.72 -2.00 -11.92
C7 STE E . 4.00 -2.80 -12.12
C8 STE E . 4.97 -1.83 -12.74
C9 STE E . 6.37 -2.42 -12.77
C10 STE E . 7.18 -1.51 -13.68
C11 STE E . 8.62 -1.98 -13.69
C12 STE E . 9.68 -1.01 -13.18
C13 STE E . 9.38 -0.19 -11.93
C14 STE E . 9.48 -1.01 -10.66
C15 STE E . 10.94 -1.16 -10.23
C16 STE E . 11.07 -1.98 -8.98
C17 STE E . 12.43 -2.65 -8.95
C18 STE E . 12.72 -3.33 -7.64
CL CL F . -10.39 -6.91 12.23
#